data_3EOH
#
_entry.id   3EOH
#
_cell.length_a   89.092
_cell.length_b   94.969
_cell.length_c   225.972
_cell.angle_alpha   90.00
_cell.angle_beta   90.00
_cell.angle_gamma   90.00
#
_symmetry.space_group_name_H-M   'P 21 21 21'
#
loop_
_entity.id
_entity.type
_entity.pdbx_description
1 polymer 'Group IIC intron'
2 polymer "5'-R(*UP*UP*AP*UP*UP*A)-3'"
3 non-polymer 'MAGNESIUM ION'
4 non-polymer 'POTASSIUM ION'
5 water water
#
loop_
_entity_poly.entity_id
_entity_poly.type
_entity_poly.pdbx_seq_one_letter_code
_entity_poly.pdbx_strand_id
1 'polyribonucleotide'
;GUGUGCCCGGCAUGGGUGCAGUCUAUAGGGUGAGAGUCCCGAACUGUGAAGGCAGAAGUAACAGUUAGCCUAACGCAAGG
GUGUCCGUGGCGACAUGGAAUCUGAAGGAAGCGGACGGCAAACCUUCGGUCUGAGGAACACGAACUUCAUAUGAGGCUAG
GUAUCAAUGGAUGAGUUUGCAUAACAAAACAAAGUCCUUUCUGCCAAAGUUGGUACAGAGUAAAUGAAGCAGAUUGAUGA
AGGGAAAGACUGCAUUCUUACCCGGGGAGGUCUGGAAACAGAAGUCAGCAGAAGUCAUAGUACCCUGUUCGCAGGGGAAG
GACGGAACAAGUAUGGCGUUCGCGCCUAAGCUUGAACCGCCGUAUACCGAACGGUACGUACGGUGGUGUGAGAGGAGUUC
GCUCUACUCUAU
;
A
2 'polyribonucleotide' UUAUUA B
#